data_7B8L
#
_entry.id   7B8L
#
_cell.length_a   60.691
_cell.length_b   72.341
_cell.length_c   79.125
_cell.angle_alpha   90.000
_cell.angle_beta   90.000
_cell.angle_gamma   90.000
#
_symmetry.space_group_name_H-M   'P 21 21 21'
#
loop_
_entity.id
_entity.type
_entity.pdbx_description
1 polymer 'Palmitoleoyl-protein carboxylesterase NOTUM'
2 non-polymer 'SULFATE ION'
3 non-polymer 2-acetamido-2-deoxy-beta-D-glucopyranose
4 non-polymer 1,2-ETHANEDIOL
5 non-polymer 2,4-bis(fluoranyl)-6-(1~{H}-pyrazol-3-yl)phenol
6 water water
#
_entity_poly.entity_id   1
_entity_poly.type   'polypeptide(L)'
_entity_poly.pdbx_seq_one_letter_code
;ETGSAQQLNEDLRLHLLLNTSVTCNDGSPAGYYLKESRGSRRWLLFLEGGWYCFNRENCDSRYDTMRRLMSSRDWPRTRT
GTGILSSQPEENPYWWNANMVFIPYCSSDVWSGASSKSEKNEYAFMGALIIQEVVRELLGRGLSGAKVLLLAGSSAGGTG
VLLNVDRVAEQLEKLGYPAIQVRGLADSGWFLDNKQYRHTDCVDTITCAPTEAIRRGIRYWNGVVPERCRRQFQEGEEWN
CFFGYKVYPTLRSPVFVVQWLFDEAQLTVDNVHLTGQPVQEGLRLYIQNLGRELRHTLKDVPASFAPACLSHEIIIRSHW
TDVQVKGTSLPRALHCWDRSLHDSHKASKTPLKGCPVHLVDSCPWPHCNPSCPTGTKHHHHHH
;
_entity_poly.pdbx_strand_id   A
#
loop_
_chem_comp.id
_chem_comp.type
_chem_comp.name
_chem_comp.formula
AY4 non-polymer 2,4-bis(fluoranyl)-6-(1~{H}-pyrazol-3-yl)phenol 'C9 H6 F2 N2 O'
EDO non-polymer 1,2-ETHANEDIOL 'C2 H6 O2'
NAG D-saccharide, beta linking 2-acetamido-2-deoxy-beta-D-glucopyranose 'C8 H15 N O6'
SO4 non-polymer 'SULFATE ION' 'O4 S -2'
#
# COMPACT_ATOMS: atom_id res chain seq x y z
N ASP A 11 8.49 -19.73 -7.07
CA ASP A 11 7.15 -19.19 -7.32
C ASP A 11 6.31 -19.23 -6.03
N LEU A 12 5.26 -18.42 -6.01
CA LEU A 12 4.28 -18.40 -4.93
C LEU A 12 3.02 -19.11 -5.42
N ARG A 13 2.40 -19.92 -4.55
CA ARG A 13 1.26 -20.77 -4.91
C ARG A 13 -0.06 -20.19 -4.42
N LEU A 14 -1.09 -20.24 -5.27
CA LEU A 14 -2.40 -19.68 -4.95
C LEU A 14 -3.18 -20.54 -3.96
N HIS A 15 -3.81 -19.87 -2.99
CA HIS A 15 -4.77 -20.45 -2.06
C HIS A 15 -5.99 -19.55 -2.04
N LEU A 16 -7.14 -20.10 -2.43
CA LEU A 16 -8.41 -19.39 -2.31
C LEU A 16 -8.92 -19.51 -0.88
N LEU A 17 -9.56 -18.46 -0.37
CA LEU A 17 -9.94 -18.43 1.03
C LEU A 17 -10.95 -19.54 1.33
N LEU A 18 -10.75 -20.22 2.46
CA LEU A 18 -11.67 -21.28 2.87
C LEU A 18 -13.01 -20.70 3.30
N ASN A 19 -13.00 -19.49 3.85
CA ASN A 19 -14.23 -18.78 4.17
C ASN A 19 -14.69 -18.14 2.87
N THR A 20 -15.62 -18.81 2.18
CA THR A 20 -16.03 -18.35 0.86
C THR A 20 -16.99 -17.16 0.90
N SER A 21 -17.35 -16.67 2.09
CA SER A 21 -18.13 -15.44 2.23
CA SER A 21 -18.14 -15.44 2.18
C SER A 21 -17.26 -14.19 2.12
N VAL A 22 -15.95 -14.33 2.11
CA VAL A 22 -15.04 -13.21 1.93
C VAL A 22 -14.63 -13.21 0.47
N THR A 23 -15.15 -12.24 -0.30
CA THR A 23 -15.14 -12.33 -1.76
C THR A 23 -14.56 -11.08 -2.43
N CYS A 24 -14.15 -11.30 -3.68
CA CYS A 24 -13.85 -10.23 -4.63
C CYS A 24 -15.14 -9.51 -5.02
N ASN A 25 -15.01 -8.50 -5.88
CA ASN A 25 -16.16 -7.66 -6.27
C ASN A 25 -17.34 -8.50 -6.77
N ASP A 26 -17.09 -9.53 -7.58
CA ASP A 26 -18.17 -10.25 -8.25
C ASP A 26 -18.69 -11.45 -7.47
N GLY A 27 -18.24 -11.63 -6.21
CA GLY A 27 -18.71 -12.74 -5.40
C GLY A 27 -17.85 -13.98 -5.45
N SER A 28 -16.87 -14.03 -6.35
CA SER A 28 -15.91 -15.12 -6.35
C SER A 28 -14.98 -15.02 -5.14
N PRO A 29 -14.43 -16.15 -4.68
CA PRO A 29 -13.62 -16.08 -3.46
C PRO A 29 -12.34 -15.29 -3.68
N ALA A 30 -11.96 -14.50 -2.67
CA ALA A 30 -10.63 -13.87 -2.65
C ALA A 30 -9.56 -14.92 -2.29
N GLY A 31 -8.31 -14.49 -2.16
CA GLY A 31 -7.24 -15.46 -1.93
C GLY A 31 -5.90 -14.80 -1.69
N TYR A 32 -4.85 -15.63 -1.68
CA TYR A 32 -3.49 -15.16 -1.48
C TYR A 32 -2.52 -16.17 -2.12
N TYR A 33 -1.35 -15.69 -2.50
CA TYR A 33 -0.25 -16.53 -3.01
C TYR A 33 0.82 -16.62 -1.92
N LEU A 34 1.33 -17.84 -1.67
CA LEU A 34 2.24 -18.08 -0.54
C LEU A 34 3.46 -18.89 -0.97
N LYS A 35 4.64 -18.48 -0.50
CA LYS A 35 5.83 -19.34 -0.51
C LYS A 35 6.40 -19.35 0.91
N GLU A 36 6.35 -20.50 1.55
CA GLU A 36 6.84 -20.62 2.92
C GLU A 36 8.35 -20.72 2.95
N SER A 37 8.92 -20.29 4.07
CA SER A 37 10.34 -20.47 4.37
C SER A 37 10.42 -21.06 5.77
N ARG A 38 10.56 -22.39 5.85
CA ARG A 38 10.42 -23.09 7.13
C ARG A 38 11.40 -22.58 8.19
N GLY A 39 12.60 -22.21 7.81
CA GLY A 39 13.54 -21.73 8.80
C GLY A 39 13.42 -20.26 9.21
N SER A 40 12.28 -19.61 8.92
CA SER A 40 12.17 -18.17 9.14
C SER A 40 10.96 -17.82 9.99
N ARG A 41 11.15 -16.87 10.91
CA ARG A 41 10.05 -16.31 11.69
C ARG A 41 9.64 -14.91 11.20
N ARG A 42 10.00 -14.55 9.97
CA ARG A 42 9.61 -13.28 9.35
C ARG A 42 8.59 -13.54 8.26
N TRP A 43 7.53 -12.73 8.25
CA TRP A 43 6.43 -12.86 7.29
C TRP A 43 6.20 -11.52 6.59
N LEU A 44 6.18 -11.54 5.24
CA LEU A 44 5.90 -10.34 4.43
C LEU A 44 4.57 -10.55 3.71
N LEU A 45 3.58 -9.71 4.04
CA LEU A 45 2.27 -9.71 3.38
C LEU A 45 2.12 -8.46 2.52
N PHE A 46 2.11 -8.62 1.19
CA PHE A 46 2.12 -7.51 0.24
C PHE A 46 0.73 -7.30 -0.34
N LEU A 47 0.24 -6.05 -0.27
CA LEU A 47 -1.03 -5.65 -0.88
C LEU A 47 -0.82 -5.03 -2.27
N GLU A 48 -1.38 -5.67 -3.31
CA GLU A 48 -1.35 -5.14 -4.68
C GLU A 48 -2.16 -3.84 -4.77
N GLY A 49 -1.76 -2.97 -5.72
CA GLY A 49 -2.50 -1.77 -6.03
C GLY A 49 -3.30 -1.86 -7.32
N GLY A 50 -3.86 -0.71 -7.73
CA GLY A 50 -4.60 -0.59 -8.98
C GLY A 50 -5.86 0.28 -8.98
N TRP A 51 -5.72 1.52 -8.51
CA TRP A 51 -6.82 2.52 -8.53
C TRP A 51 -8.00 2.00 -7.71
N TYR A 52 -9.24 2.25 -8.17
CA TYR A 52 -10.47 1.97 -7.43
C TYR A 52 -11.64 2.27 -8.36
N CYS A 53 -12.86 1.95 -7.92
CA CYS A 53 -14.06 2.41 -8.60
C CYS A 53 -15.07 2.81 -7.53
N PHE A 54 -15.96 3.75 -7.85
CA PHE A 54 -16.81 4.34 -6.82
C PHE A 54 -18.30 4.48 -7.11
N ASN A 55 -18.79 4.04 -8.27
CA ASN A 55 -20.23 3.92 -8.49
C ASN A 55 -20.51 2.77 -9.45
N ARG A 56 -21.80 2.52 -9.72
CA ARG A 56 -22.16 1.39 -10.59
C ARG A 56 -21.56 1.54 -11.96
N GLU A 57 -21.68 2.74 -12.54
CA GLU A 57 -21.25 2.95 -13.91
C GLU A 57 -19.75 2.73 -14.09
N ASN A 58 -18.92 3.32 -13.21
CA ASN A 58 -17.48 3.14 -13.39
C ASN A 58 -16.98 1.79 -12.91
N CYS A 59 -17.66 1.14 -11.97
CA CYS A 59 -17.31 -0.24 -11.63
C CYS A 59 -17.68 -1.21 -12.75
N ASP A 60 -18.79 -0.95 -13.47
CA ASP A 60 -19.14 -1.76 -14.64
C ASP A 60 -18.07 -1.67 -15.73
N SER A 61 -17.55 -0.47 -16.00
N SER A 61 -17.55 -0.48 -15.99
CA SER A 61 -16.50 -0.33 -17.00
CA SER A 61 -16.49 -0.36 -17.00
C SER A 61 -15.23 -1.08 -16.58
C SER A 61 -15.23 -1.09 -16.57
N ARG A 62 -14.84 -0.94 -15.31
CA ARG A 62 -13.69 -1.69 -14.79
C ARG A 62 -13.90 -3.20 -14.92
N TYR A 63 -15.15 -3.67 -14.79
CA TYR A 63 -15.39 -5.11 -14.90
C TYR A 63 -15.16 -5.60 -16.32
N ASP A 64 -15.35 -4.74 -17.32
CA ASP A 64 -15.18 -5.15 -18.71
C ASP A 64 -13.71 -5.33 -19.08
N THR A 65 -12.84 -4.45 -18.60
CA THR A 65 -11.48 -4.41 -19.11
C THR A 65 -10.40 -4.48 -18.03
N MET A 66 -10.77 -4.65 -16.77
CA MET A 66 -9.82 -4.83 -15.66
C MET A 66 -10.35 -5.92 -14.72
N ARG A 67 -10.80 -7.02 -15.31
CA ARG A 67 -11.58 -8.00 -14.55
C ARG A 67 -10.75 -8.76 -13.52
N ARG A 68 -9.45 -8.93 -13.75
CA ARG A 68 -8.63 -9.60 -12.73
C ARG A 68 -8.53 -8.79 -11.44
N LEU A 69 -8.82 -7.49 -11.47
CA LEU A 69 -8.90 -6.63 -10.29
C LEU A 69 -10.29 -6.62 -9.67
N MET A 70 -11.20 -7.48 -10.13
CA MET A 70 -12.56 -7.57 -9.59
C MET A 70 -13.05 -9.00 -9.39
N SER A 71 -12.22 -10.02 -9.60
CA SER A 71 -12.66 -11.40 -9.68
C SER A 71 -11.45 -12.32 -9.64
N SER A 72 -11.62 -13.51 -9.05
CA SER A 72 -10.56 -14.52 -9.01
C SER A 72 -10.72 -15.61 -10.06
N ARG A 73 -11.73 -15.52 -10.93
CA ARG A 73 -12.04 -16.63 -11.81
C ARG A 73 -10.91 -16.94 -12.79
N ASP A 74 -10.13 -15.92 -13.18
CA ASP A 74 -9.09 -16.08 -14.18
C ASP A 74 -7.67 -16.02 -13.60
N TRP A 75 -7.51 -16.09 -12.27
CA TRP A 75 -6.19 -16.01 -11.68
C TRP A 75 -5.35 -17.25 -11.99
N PRO A 76 -4.05 -17.08 -12.25
CA PRO A 76 -3.18 -18.25 -12.43
C PRO A 76 -2.87 -18.92 -11.10
N ARG A 77 -2.44 -20.19 -11.18
CA ARG A 77 -2.19 -20.98 -9.99
C ARG A 77 -0.90 -20.59 -9.28
N THR A 78 0.02 -19.92 -9.98
CA THR A 78 1.28 -19.50 -9.40
C THR A 78 1.61 -18.09 -9.85
N ARG A 79 2.56 -17.48 -9.14
CA ARG A 79 3.09 -16.16 -9.46
C ARG A 79 4.56 -16.13 -9.03
N THR A 80 5.39 -15.43 -9.79
CA THR A 80 6.81 -15.28 -9.48
C THR A 80 7.02 -14.13 -8.51
N GLY A 81 7.76 -14.40 -7.42
CA GLY A 81 8.13 -13.33 -6.50
C GLY A 81 9.23 -12.46 -7.06
N THR A 82 9.00 -11.14 -7.06
CA THR A 82 9.92 -10.15 -7.60
C THR A 82 10.21 -9.04 -6.59
N GLY A 83 11.40 -8.45 -6.71
CA GLY A 83 11.81 -7.40 -5.79
C GLY A 83 11.85 -7.88 -4.35
N ILE A 84 11.12 -7.19 -3.47
CA ILE A 84 11.07 -7.55 -2.05
C ILE A 84 10.39 -8.89 -1.82
N LEU A 85 9.64 -9.42 -2.78
CA LEU A 85 9.07 -10.77 -2.72
C LEU A 85 9.97 -11.85 -3.33
N SER A 86 11.15 -11.49 -3.83
CA SER A 86 12.10 -12.48 -4.34
C SER A 86 12.81 -13.22 -3.20
N SER A 87 13.07 -14.52 -3.42
CA SER A 87 13.81 -15.36 -2.48
C SER A 87 15.30 -15.48 -2.78
N GLN A 88 15.80 -14.75 -3.79
CA GLN A 88 17.21 -14.75 -4.18
C GLN A 88 17.92 -13.55 -3.57
N PRO A 89 19.02 -13.76 -2.83
CA PRO A 89 19.68 -12.60 -2.20
C PRO A 89 20.19 -11.57 -3.18
N GLU A 90 20.58 -11.98 -4.40
CA GLU A 90 21.01 -11.01 -5.39
C GLU A 90 19.92 -10.00 -5.73
N GLU A 91 18.67 -10.45 -5.80
CA GLU A 91 17.55 -9.56 -6.11
C GLU A 91 16.96 -8.88 -4.89
N ASN A 92 17.06 -9.51 -3.72
CA ASN A 92 16.43 -9.05 -2.49
C ASN A 92 17.45 -9.12 -1.36
N PRO A 93 18.34 -8.13 -1.25
CA PRO A 93 19.29 -8.10 -0.14
C PRO A 93 18.64 -7.98 1.24
N TYR A 94 17.39 -7.50 1.30
CA TYR A 94 16.74 -7.18 2.57
C TYR A 94 16.17 -8.43 3.25
N TRP A 95 15.18 -9.09 2.63
CA TRP A 95 14.39 -10.14 3.29
C TRP A 95 14.26 -11.40 2.44
N TRP A 96 15.35 -11.83 1.77
CA TRP A 96 15.25 -12.97 0.85
C TRP A 96 14.81 -14.27 1.52
N ASN A 97 15.03 -14.43 2.83
CA ASN A 97 14.70 -15.70 3.50
C ASN A 97 13.33 -15.70 4.17
N ALA A 98 12.50 -14.68 3.97
CA ALA A 98 11.22 -14.59 4.67
C ALA A 98 10.16 -15.46 4.01
N ASN A 99 9.10 -15.72 4.78
CA ASN A 99 7.86 -16.26 4.22
C ASN A 99 7.16 -15.16 3.42
N MET A 100 6.86 -15.45 2.15
CA MET A 100 6.36 -14.43 1.21
C MET A 100 4.89 -14.63 0.89
N VAL A 101 4.10 -13.54 0.96
CA VAL A 101 2.67 -13.58 0.65
C VAL A 101 2.31 -12.39 -0.27
N PHE A 102 1.65 -12.68 -1.39
CA PHE A 102 1.12 -11.67 -2.30
C PHE A 102 -0.40 -11.75 -2.24
N ILE A 103 -1.05 -10.65 -1.84
CA ILE A 103 -2.50 -10.63 -1.70
C ILE A 103 -3.10 -9.86 -2.89
N PRO A 104 -3.74 -10.51 -3.85
CA PRO A 104 -4.32 -9.79 -4.99
C PRO A 104 -5.39 -8.80 -4.58
N TYR A 105 -5.40 -7.65 -5.26
CA TYR A 105 -6.38 -6.58 -5.05
C TYR A 105 -7.57 -6.85 -5.95
N CYS A 106 -8.69 -7.32 -5.38
CA CYS A 106 -9.88 -7.61 -6.18
C CYS A 106 -11.12 -6.97 -5.58
N SER A 107 -10.96 -5.94 -4.74
CA SER A 107 -12.07 -5.26 -4.08
C SER A 107 -12.30 -3.80 -4.51
N SER A 108 -11.37 -3.17 -5.24
CA SER A 108 -11.60 -1.85 -5.87
C SER A 108 -11.95 -0.73 -4.87
N ASP A 109 -11.51 -0.85 -3.61
CA ASP A 109 -11.95 -0.01 -2.50
C ASP A 109 -10.78 0.52 -1.67
N VAL A 110 -9.58 0.55 -2.23
CA VAL A 110 -8.39 0.97 -1.49
C VAL A 110 -8.20 0.15 -0.21
N TRP A 111 -8.63 -1.11 -0.23
CA TRP A 111 -8.54 -2.03 0.90
C TRP A 111 -9.34 -1.60 2.13
N SER A 112 -10.42 -0.82 1.96
CA SER A 112 -11.18 -0.23 3.06
C SER A 112 -12.55 -0.85 3.27
N GLY A 113 -13.05 -1.67 2.35
CA GLY A 113 -14.48 -1.98 2.35
C GLY A 113 -14.86 -3.10 3.29
N ALA A 114 -16.13 -3.08 3.71
CA ALA A 114 -16.73 -4.15 4.50
C ALA A 114 -18.21 -4.28 4.13
N SER A 115 -18.49 -4.70 2.89
N SER A 115 -18.49 -4.67 2.88
CA SER A 115 -19.86 -4.82 2.40
CA SER A 115 -19.87 -4.84 2.43
C SER A 115 -19.97 -5.98 1.41
C SER A 115 -19.97 -5.99 1.43
N SER A 116 -20.96 -6.85 1.62
CA SER A 116 -21.18 -8.00 0.76
C SER A 116 -22.11 -7.70 -0.40
N LYS A 117 -21.96 -8.47 -1.48
CA LYS A 117 -22.93 -8.42 -2.57
C LYS A 117 -24.25 -9.00 -2.08
N SER A 118 -25.36 -8.38 -2.49
CA SER A 118 -26.67 -8.69 -1.92
C SER A 118 -27.76 -8.17 -2.85
N GLU A 119 -29.02 -8.33 -2.43
CA GLU A 119 -30.15 -7.84 -3.22
C GLU A 119 -30.04 -6.35 -3.54
N LYS A 120 -29.37 -5.58 -2.67
CA LYS A 120 -29.25 -4.14 -2.89
C LYS A 120 -27.86 -3.69 -3.37
N ASN A 121 -26.90 -4.62 -3.52
CA ASN A 121 -25.52 -4.29 -3.89
C ASN A 121 -25.08 -5.18 -5.04
N GLU A 122 -24.84 -4.60 -6.23
CA GLU A 122 -24.35 -5.37 -7.38
C GLU A 122 -22.96 -5.97 -7.13
N TYR A 123 -22.11 -5.28 -6.38
CA TYR A 123 -20.74 -5.70 -6.12
C TYR A 123 -20.49 -5.77 -4.62
N ALA A 124 -19.52 -6.61 -4.24
CA ALA A 124 -19.01 -6.68 -2.87
C ALA A 124 -17.74 -5.84 -2.76
N PHE A 125 -17.59 -5.12 -1.66
CA PHE A 125 -16.38 -4.36 -1.38
C PHE A 125 -15.86 -4.82 -0.02
N MET A 126 -14.90 -5.76 -0.02
CA MET A 126 -14.50 -6.44 1.21
C MET A 126 -13.01 -6.33 1.54
N GLY A 127 -12.33 -5.27 1.05
CA GLY A 127 -10.88 -5.15 1.22
C GLY A 127 -10.41 -5.30 2.66
N ALA A 128 -11.07 -4.62 3.59
CA ALA A 128 -10.60 -4.71 4.98
C ALA A 128 -10.81 -6.11 5.55
N LEU A 129 -11.88 -6.80 5.13
CA LEU A 129 -12.16 -8.15 5.59
C LEU A 129 -11.27 -9.20 4.93
N ILE A 130 -10.86 -8.98 3.68
CA ILE A 130 -9.93 -9.89 3.00
C ILE A 130 -8.62 -9.97 3.77
N ILE A 131 -8.08 -8.81 4.17
CA ILE A 131 -6.82 -8.78 4.93
C ILE A 131 -6.94 -9.58 6.23
N GLN A 132 -8.03 -9.34 6.97
CA GLN A 132 -8.20 -10.05 8.25
C GLN A 132 -8.36 -11.54 8.06
N GLU A 133 -9.02 -11.97 6.98
CA GLU A 133 -9.21 -13.41 6.75
C GLU A 133 -7.92 -14.08 6.30
N VAL A 134 -7.11 -13.41 5.47
CA VAL A 134 -5.80 -13.95 5.12
C VAL A 134 -4.96 -14.18 6.39
N VAL A 135 -4.92 -13.18 7.28
CA VAL A 135 -4.15 -13.34 8.52
C VAL A 135 -4.67 -14.52 9.33
N ARG A 136 -6.00 -14.63 9.44
CA ARG A 136 -6.56 -15.76 10.19
C ARG A 136 -6.12 -17.10 9.63
N GLU A 137 -6.24 -17.27 8.30
CA GLU A 137 -5.93 -18.57 7.72
C GLU A 137 -4.43 -18.86 7.74
N LEU A 138 -3.59 -17.82 7.66
CA LEU A 138 -2.15 -18.05 7.70
C LEU A 138 -1.67 -18.52 9.09
N LEU A 139 -2.40 -18.18 10.16
CA LEU A 139 -1.95 -18.59 11.49
C LEU A 139 -1.80 -20.10 11.57
N GLY A 140 -2.68 -20.84 10.90
CA GLY A 140 -2.58 -22.30 10.84
C GLY A 140 -1.51 -22.84 9.91
N ARG A 141 -0.86 -21.99 9.11
CA ARG A 141 0.17 -22.40 8.19
C ARG A 141 1.56 -21.93 8.58
N GLY A 142 1.76 -21.52 9.84
CA GLY A 142 3.05 -21.10 10.34
C GLY A 142 3.12 -19.70 10.89
N LEU A 143 2.16 -18.82 10.56
CA LEU A 143 2.24 -17.45 11.06
C LEU A 143 2.15 -17.38 12.58
N SER A 144 1.59 -18.42 13.22
CA SER A 144 1.52 -18.45 14.68
C SER A 144 2.90 -18.42 15.34
N GLY A 145 3.96 -18.80 14.62
CA GLY A 145 5.30 -18.77 15.15
C GLY A 145 6.12 -17.55 14.79
N ALA A 146 5.52 -16.53 14.20
CA ALA A 146 6.25 -15.37 13.69
C ALA A 146 6.79 -14.48 14.82
N LYS A 147 7.91 -13.81 14.53
CA LYS A 147 8.43 -12.69 15.31
C LYS A 147 8.06 -11.33 14.72
N VAL A 148 8.05 -11.19 13.39
CA VAL A 148 7.70 -9.93 12.73
C VAL A 148 6.76 -10.23 11.56
N LEU A 149 5.68 -9.45 11.46
CA LEU A 149 4.78 -9.47 10.31
C LEU A 149 4.87 -8.07 9.71
N LEU A 150 5.42 -7.98 8.49
CA LEU A 150 5.51 -6.70 7.79
C LEU A 150 4.38 -6.65 6.76
N LEU A 151 3.42 -5.74 6.96
CA LEU A 151 2.35 -5.50 6.00
C LEU A 151 2.83 -4.42 5.02
N ALA A 152 3.05 -4.80 3.77
CA ALA A 152 3.57 -3.91 2.75
C ALA A 152 2.56 -3.75 1.62
N GLY A 153 2.76 -2.72 0.78
CA GLY A 153 1.86 -2.52 -0.37
C GLY A 153 2.32 -1.36 -1.23
N SER A 154 1.86 -1.37 -2.50
CA SER A 154 2.23 -0.36 -3.49
C SER A 154 0.99 0.34 -4.03
N SER A 155 1.07 1.67 -4.17
CA SER A 155 0.01 2.52 -4.75
C SER A 155 -1.25 2.42 -3.90
N ALA A 156 -2.41 2.01 -4.43
CA ALA A 156 -3.58 1.81 -3.57
C ALA A 156 -3.29 0.81 -2.46
N GLY A 157 -2.36 -0.12 -2.69
CA GLY A 157 -1.96 -1.04 -1.63
C GLY A 157 -1.13 -0.37 -0.56
N GLY A 158 -0.38 0.69 -0.91
CA GLY A 158 0.34 1.44 0.11
C GLY A 158 -0.60 2.22 1.02
N THR A 159 -1.62 2.86 0.43
CA THR A 159 -2.65 3.48 1.25
C THR A 159 -3.36 2.42 2.11
N GLY A 160 -3.58 1.24 1.52
CA GLY A 160 -4.16 0.13 2.27
C GLY A 160 -3.38 -0.27 3.53
N VAL A 161 -2.04 -0.19 3.46
CA VAL A 161 -1.21 -0.43 4.64
C VAL A 161 -1.55 0.58 5.74
N LEU A 162 -1.63 1.87 5.36
CA LEU A 162 -1.90 2.92 6.35
C LEU A 162 -3.28 2.72 6.99
N LEU A 163 -4.25 2.26 6.20
CA LEU A 163 -5.60 2.04 6.71
C LEU A 163 -5.73 0.77 7.56
N ASN A 164 -4.86 -0.22 7.40
CA ASN A 164 -5.11 -1.52 8.01
C ASN A 164 -4.03 -2.02 8.98
N VAL A 165 -2.85 -1.40 9.07
CA VAL A 165 -1.75 -1.99 9.85
C VAL A 165 -2.13 -2.10 11.34
N ASP A 166 -2.75 -1.07 11.91
CA ASP A 166 -3.14 -1.12 13.33
C ASP A 166 -4.27 -2.12 13.58
N ARG A 167 -5.13 -2.36 12.58
CA ARG A 167 -6.17 -3.37 12.76
C ARG A 167 -5.59 -4.78 12.76
N VAL A 168 -4.58 -5.05 11.92
CA VAL A 168 -3.87 -6.34 12.01
C VAL A 168 -3.23 -6.51 13.38
N ALA A 169 -2.64 -5.45 13.92
CA ALA A 169 -2.01 -5.54 15.24
C ALA A 169 -3.03 -5.86 16.33
N GLU A 170 -4.20 -5.21 16.28
CA GLU A 170 -5.27 -5.46 17.26
C GLU A 170 -5.85 -6.87 17.11
N GLN A 171 -5.95 -7.36 15.88
CA GLN A 171 -6.49 -8.70 15.62
C GLN A 171 -5.62 -9.76 16.28
N LEU A 172 -4.29 -9.63 16.14
CA LEU A 172 -3.38 -10.62 16.71
C LEU A 172 -3.30 -10.50 18.23
N GLU A 173 -3.40 -9.28 18.76
CA GLU A 173 -3.45 -9.12 20.21
C GLU A 173 -4.67 -9.81 20.80
N LYS A 174 -5.85 -9.59 20.19
CA LYS A 174 -7.07 -10.16 20.74
C LYS A 174 -7.11 -11.68 20.58
N LEU A 175 -6.40 -12.22 19.58
CA LEU A 175 -6.31 -13.66 19.38
C LEU A 175 -5.26 -14.33 20.26
N GLY A 176 -4.50 -13.57 21.04
CA GLY A 176 -3.56 -14.15 21.98
C GLY A 176 -2.14 -14.29 21.48
N TYR A 177 -1.71 -13.46 20.51
CA TYR A 177 -0.36 -13.48 19.98
C TYR A 177 0.32 -12.13 20.21
N PRO A 178 0.59 -11.72 21.44
CA PRO A 178 1.18 -10.39 21.66
C PRO A 178 2.65 -10.29 21.30
N ALA A 179 3.33 -11.41 21.01
CA ALA A 179 4.74 -11.37 20.67
C ALA A 179 5.00 -11.13 19.19
N ILE A 180 3.99 -11.17 18.34
CA ILE A 180 4.20 -10.92 16.92
C ILE A 180 4.25 -9.41 16.74
N GLN A 181 5.38 -8.89 16.23
CA GLN A 181 5.52 -7.45 16.02
C GLN A 181 4.98 -7.10 14.63
N VAL A 182 3.89 -6.33 14.58
CA VAL A 182 3.30 -5.88 13.32
C VAL A 182 3.88 -4.51 12.95
N ARG A 183 4.30 -4.38 11.69
CA ARG A 183 4.92 -3.18 11.14
C ARG A 183 4.36 -2.96 9.74
N GLY A 184 4.50 -1.74 9.23
CA GLY A 184 3.99 -1.42 7.91
C GLY A 184 5.04 -0.81 6.99
N LEU A 185 4.89 -1.12 5.69
CA LEU A 185 5.73 -0.56 4.61
C LEU A 185 4.83 -0.03 3.50
N ALA A 186 4.69 1.29 3.41
CA ALA A 186 3.76 1.92 2.46
C ALA A 186 4.55 2.54 1.29
N ASP A 187 4.38 1.98 0.09
CA ASP A 187 5.10 2.40 -1.11
C ASP A 187 4.15 3.14 -2.07
N SER A 188 4.45 4.41 -2.36
CA SER A 188 3.69 5.16 -3.38
C SER A 188 2.20 5.31 -3.03
N GLY A 189 1.88 5.31 -1.74
CA GLY A 189 0.52 5.53 -1.30
C GLY A 189 0.33 6.74 -0.39
N TRP A 190 1.24 7.71 -0.47
CA TRP A 190 1.25 8.92 0.36
C TRP A 190 0.89 10.11 -0.55
N PHE A 191 -0.40 10.39 -0.62
CA PHE A 191 -0.95 11.38 -1.54
C PHE A 191 -1.28 12.70 -0.83
N LEU A 192 -1.31 13.77 -1.63
CA LEU A 192 -1.65 15.10 -1.12
C LEU A 192 -2.99 15.53 -1.69
N ASP A 193 -3.87 16.06 -0.83
CA ASP A 193 -5.15 16.63 -1.25
C ASP A 193 -4.98 18.09 -1.66
N ASN A 194 -4.12 18.30 -2.66
CA ASN A 194 -3.73 19.63 -3.12
C ASN A 194 -4.62 20.13 -4.26
N LYS A 195 -4.42 21.39 -4.62
CA LYS A 195 -5.12 21.98 -5.76
C LYS A 195 -4.59 21.40 -7.07
N GLN A 196 -5.48 21.09 -7.99
CA GLN A 196 -5.08 20.60 -9.29
C GLN A 196 -4.45 21.71 -10.12
N TYR A 197 -3.62 21.32 -11.10
CA TYR A 197 -2.99 22.30 -11.99
C TYR A 197 -4.03 22.91 -12.94
N ARG A 198 -4.96 22.09 -13.44
CA ARG A 198 -6.19 22.52 -14.10
C ARG A 198 -7.34 21.74 -13.49
N HIS A 199 -8.53 22.34 -13.43
CA HIS A 199 -9.60 21.75 -12.63
C HIS A 199 -10.94 21.79 -13.34
N ASP A 204 -18.50 13.59 -13.56
CA ASP A 204 -18.11 12.35 -14.22
C ASP A 204 -16.77 11.88 -13.66
N THR A 205 -16.45 10.61 -13.93
CA THR A 205 -15.23 10.01 -13.40
C THR A 205 -13.97 10.77 -13.83
N THR A 207 -13.45 13.83 -14.19
CA THR A 207 -13.33 15.18 -13.64
C THR A 207 -13.37 15.20 -12.11
N CYS A 208 -13.54 14.03 -11.48
CA CYS A 208 -13.74 13.94 -10.03
C CYS A 208 -12.41 13.77 -9.32
N ALA A 209 -12.06 14.76 -8.47
CA ALA A 209 -10.82 14.70 -7.70
C ALA A 209 -10.89 13.61 -6.63
N PRO A 210 -9.75 13.02 -6.26
CA PRO A 210 -9.76 11.96 -5.24
C PRO A 210 -10.50 12.28 -3.95
N THR A 211 -10.43 13.52 -3.44
CA THR A 211 -11.19 13.84 -2.23
C THR A 211 -12.67 13.56 -2.41
N GLU A 212 -13.24 14.01 -3.53
CA GLU A 212 -14.66 13.76 -3.78
C GLU A 212 -14.94 12.30 -4.16
N ALA A 213 -14.05 11.69 -4.94
CA ALA A 213 -14.23 10.29 -5.32
C ALA A 213 -14.17 9.37 -4.09
N ILE A 214 -13.29 9.67 -3.14
CA ILE A 214 -13.19 8.85 -1.93
C ILE A 214 -14.36 9.12 -0.98
N ARG A 215 -14.82 10.37 -0.89
CA ARG A 215 -16.02 10.64 -0.11
C ARG A 215 -17.19 9.79 -0.59
N ARG A 216 -17.36 9.68 -1.91
CA ARG A 216 -18.45 8.87 -2.45
C ARG A 216 -18.16 7.38 -2.28
N GLY A 217 -16.92 6.98 -2.51
CA GLY A 217 -16.55 5.57 -2.37
C GLY A 217 -16.80 5.02 -0.98
N ILE A 218 -16.48 5.81 0.06
CA ILE A 218 -16.70 5.33 1.43
C ILE A 218 -18.15 4.93 1.66
N ARG A 219 -19.10 5.71 1.14
CA ARG A 219 -20.50 5.35 1.29
C ARG A 219 -20.85 4.11 0.45
N TYR A 220 -20.35 4.06 -0.80
CA TYR A 220 -20.65 2.95 -1.72
C TYR A 220 -20.06 1.64 -1.24
N TRP A 221 -18.90 1.68 -0.58
CA TRP A 221 -18.17 0.50 -0.14
C TRP A 221 -18.48 0.09 1.28
N ASN A 222 -19.15 0.96 2.05
CA ASN A 222 -19.16 0.84 3.51
C ASN A 222 -17.72 0.81 4.05
N GLY A 223 -16.98 1.86 3.73
CA GLY A 223 -15.55 1.88 4.03
C GLY A 223 -15.25 2.14 5.49
N VAL A 224 -14.13 1.58 5.96
CA VAL A 224 -13.69 1.63 7.34
C VAL A 224 -12.30 2.28 7.39
N VAL A 225 -12.06 3.12 8.41
CA VAL A 225 -10.78 3.79 8.62
C VAL A 225 -10.30 3.50 10.04
N PRO A 226 -9.00 3.76 10.34
CA PRO A 226 -8.50 3.46 11.69
C PRO A 226 -9.22 4.29 12.76
N GLU A 227 -9.37 3.69 13.94
CA GLU A 227 -10.25 4.22 14.98
C GLU A 227 -9.84 5.61 15.45
N ARG A 228 -8.56 5.81 15.77
CA ARG A 228 -8.16 7.12 16.30
C ARG A 228 -8.36 8.23 15.26
N CYS A 229 -8.05 7.94 14.00
CA CYS A 229 -8.27 8.93 12.94
C CYS A 229 -9.76 9.20 12.75
N ARG A 230 -10.58 8.15 12.80
CA ARG A 230 -12.03 8.34 12.74
C ARG A 230 -12.54 9.25 13.85
N ARG A 231 -12.02 9.07 15.07
CA ARG A 231 -12.48 9.87 16.21
C ARG A 231 -12.09 11.33 16.07
N GLN A 232 -10.98 11.61 15.40
CA GLN A 232 -10.56 12.99 15.15
C GLN A 232 -11.46 13.68 14.13
N PHE A 233 -11.69 13.03 13.00
CA PHE A 233 -12.36 13.69 11.88
C PHE A 233 -13.88 13.55 11.92
N GLN A 234 -14.40 12.47 12.51
CA GLN A 234 -15.81 12.22 12.75
C GLN A 234 -16.64 11.97 11.49
N GLU A 235 -17.94 11.71 11.68
CA GLU A 235 -18.81 11.26 10.60
C GLU A 235 -18.85 12.27 9.46
N GLY A 236 -18.85 11.74 8.23
CA GLY A 236 -18.84 12.55 7.03
C GLY A 236 -17.47 12.97 6.57
N GLU A 237 -16.45 12.89 7.43
CA GLU A 237 -15.12 13.40 7.13
C GLU A 237 -14.07 12.31 7.15
N GLU A 238 -14.48 11.04 7.09
CA GLU A 238 -13.52 9.95 7.16
C GLU A 238 -12.63 9.87 5.92
N TRP A 239 -13.02 10.51 4.81
CA TRP A 239 -12.13 10.59 3.64
C TRP A 239 -10.75 11.14 3.99
N ASN A 240 -10.67 11.99 5.02
CA ASN A 240 -9.39 12.57 5.41
C ASN A 240 -8.37 11.51 5.78
N CYS A 241 -8.81 10.37 6.28
CA CYS A 241 -7.90 9.32 6.74
C CYS A 241 -7.26 8.51 5.63
N PHE A 242 -7.66 8.73 4.37
CA PHE A 242 -7.00 8.13 3.21
C PHE A 242 -5.75 8.90 2.78
N PHE A 243 -5.44 10.03 3.41
CA PHE A 243 -4.29 10.86 3.06
C PHE A 243 -3.21 10.70 4.12
N GLY A 244 -2.05 10.20 3.69
CA GLY A 244 -1.01 9.74 4.61
C GLY A 244 -0.61 10.74 5.67
N TYR A 245 -0.35 11.99 5.28
CA TYR A 245 0.07 12.99 6.28
C TYR A 245 -0.97 13.23 7.38
N LYS A 246 -2.23 12.85 7.16
CA LYS A 246 -3.27 13.00 8.17
C LYS A 246 -3.47 11.74 9.02
N VAL A 247 -3.37 10.57 8.40
CA VAL A 247 -3.60 9.32 9.13
C VAL A 247 -2.33 8.84 9.86
N TYR A 248 -1.15 9.04 9.27
CA TYR A 248 0.10 8.56 9.88
C TYR A 248 0.29 8.98 11.34
N PRO A 249 0.08 10.25 11.75
CA PRO A 249 0.29 10.61 13.17
C PRO A 249 -0.64 9.93 14.13
N THR A 250 -1.71 9.28 13.69
CA THR A 250 -2.64 8.57 14.57
C THR A 250 -2.26 7.11 14.79
N LEU A 251 -1.31 6.56 14.03
CA LEU A 251 -1.01 5.14 14.04
C LEU A 251 -0.03 4.76 15.16
N ARG A 252 -0.18 3.55 15.68
CA ARG A 252 0.74 3.06 16.72
C ARG A 252 1.84 2.16 16.17
N SER A 253 1.56 1.41 15.11
CA SER A 253 2.55 0.46 14.59
C SER A 253 3.66 1.23 13.87
N PRO A 254 4.91 0.75 13.92
CA PRO A 254 5.97 1.39 13.12
C PRO A 254 5.69 1.25 11.63
N VAL A 255 5.81 2.36 10.89
CA VAL A 255 5.52 2.39 9.45
C VAL A 255 6.67 3.08 8.72
N PHE A 256 7.28 2.39 7.75
CA PHE A 256 8.27 2.97 6.85
C PHE A 256 7.56 3.47 5.58
N VAL A 257 7.82 4.72 5.18
CA VAL A 257 7.13 5.36 4.06
C VAL A 257 8.12 5.52 2.90
N VAL A 258 7.82 4.88 1.77
CA VAL A 258 8.56 5.04 0.51
C VAL A 258 7.69 5.87 -0.43
N GLN A 259 8.24 6.99 -0.95
CA GLN A 259 7.40 7.86 -1.80
C GLN A 259 8.25 8.69 -2.75
N TRP A 260 8.06 8.49 -4.06
CA TRP A 260 8.69 9.40 -5.01
C TRP A 260 8.15 10.82 -4.80
N LEU A 261 9.06 11.82 -4.90
CA LEU A 261 8.61 13.20 -4.70
C LEU A 261 7.67 13.66 -5.80
N PHE A 262 7.80 13.13 -7.01
CA PHE A 262 6.98 13.52 -8.15
C PHE A 262 6.26 12.27 -8.66
N ASP A 263 5.38 11.72 -7.83
CA ASP A 263 4.69 10.48 -8.18
C ASP A 263 3.76 10.67 -9.38
N GLU A 264 3.81 9.71 -10.32
CA GLU A 264 3.03 9.85 -11.56
C GLU A 264 1.53 9.80 -11.31
N ALA A 265 1.08 8.99 -10.35
CA ALA A 265 -0.35 8.97 -10.04
C ALA A 265 -0.79 10.28 -9.40
N GLN A 266 0.05 10.86 -8.54
CA GLN A 266 -0.25 12.18 -7.98
C GLN A 266 -0.36 13.22 -9.09
N LEU A 267 0.57 13.21 -10.05
CA LEU A 267 0.49 14.16 -11.15
C LEU A 267 -0.75 13.93 -12.01
N THR A 268 -1.15 12.67 -12.21
CA THR A 268 -2.35 12.38 -12.99
C THR A 268 -3.59 12.96 -12.34
N VAL A 269 -3.78 12.73 -11.04
CA VAL A 269 -4.93 13.28 -10.33
C VAL A 269 -4.86 14.81 -10.26
N ASP A 270 -3.66 15.39 -10.42
CA ASP A 270 -3.48 16.84 -10.48
C ASP A 270 -3.68 17.41 -11.89
N ASN A 271 -4.01 16.57 -12.87
CA ASN A 271 -4.26 16.99 -14.26
C ASN A 271 -3.01 17.59 -14.91
N VAL A 272 -1.85 17.03 -14.60
CA VAL A 272 -0.57 17.40 -15.19
C VAL A 272 -0.17 16.30 -16.16
N HIS A 273 0.13 16.67 -17.41
CA HIS A 273 0.58 15.71 -18.41
C HIS A 273 1.95 16.09 -18.98
N VAL A 279 8.42 22.89 -20.75
CA VAL A 279 7.72 23.29 -19.54
C VAL A 279 7.88 24.79 -19.34
N GLN A 280 6.76 25.50 -19.13
CA GLN A 280 6.81 26.94 -18.95
C GLN A 280 6.66 27.29 -17.47
N GLU A 281 6.71 28.60 -17.18
CA GLU A 281 6.87 29.07 -15.81
C GLU A 281 5.77 28.55 -14.89
N GLY A 282 4.50 28.62 -15.32
CA GLY A 282 3.42 28.20 -14.45
C GLY A 282 3.53 26.75 -14.00
N LEU A 283 3.79 25.85 -14.94
CA LEU A 283 3.93 24.44 -14.61
C LEU A 283 5.21 24.16 -13.85
N ARG A 284 6.28 24.90 -14.15
CA ARG A 284 7.54 24.69 -13.43
C ARG A 284 7.35 24.98 -11.94
N LEU A 285 6.72 26.11 -11.63
CA LEU A 285 6.45 26.45 -10.24
C LEU A 285 5.50 25.44 -9.59
N TYR A 286 4.49 24.95 -10.32
CA TYR A 286 3.59 23.93 -9.79
C TYR A 286 4.34 22.66 -9.37
N ILE A 287 5.19 22.15 -10.26
CA ILE A 287 5.95 20.92 -9.98
C ILE A 287 6.92 21.12 -8.82
N GLN A 288 7.62 22.26 -8.79
CA GLN A 288 8.56 22.52 -7.69
C GLN A 288 7.83 22.61 -6.36
N ASN A 289 6.66 23.25 -6.36
CA ASN A 289 5.86 23.37 -5.14
C ASN A 289 5.37 22.02 -4.66
N LEU A 290 5.00 21.11 -5.58
CA LEU A 290 4.56 19.78 -5.18
C LEU A 290 5.68 19.04 -4.46
N GLY A 291 6.89 19.08 -5.01
CA GLY A 291 8.02 18.42 -4.36
C GLY A 291 8.30 18.99 -2.98
N ARG A 292 8.24 20.33 -2.85
CA ARG A 292 8.52 20.95 -1.56
C ARG A 292 7.45 20.57 -0.54
N GLU A 293 6.18 20.48 -0.97
CA GLU A 293 5.10 20.11 -0.05
C GLU A 293 5.25 18.69 0.43
N LEU A 294 5.54 17.75 -0.49
N LEU A 294 5.55 17.76 -0.50
CA LEU A 294 5.76 16.36 -0.11
CA LEU A 294 5.74 16.37 -0.09
C LEU A 294 6.90 16.25 0.89
C LEU A 294 6.91 16.22 0.88
N ARG A 295 8.03 16.89 0.59
CA ARG A 295 9.17 16.92 1.52
C ARG A 295 8.76 17.42 2.90
N HIS A 296 7.94 18.48 2.95
CA HIS A 296 7.51 19.03 4.23
C HIS A 296 6.68 18.03 5.03
N THR A 297 5.81 17.26 4.35
CA THR A 297 5.00 16.28 5.07
C THR A 297 5.81 15.13 5.64
N LEU A 298 7.03 14.90 5.13
CA LEU A 298 7.87 13.81 5.59
C LEU A 298 8.90 14.26 6.61
N LYS A 299 8.93 15.54 6.96
CA LYS A 299 10.05 16.07 7.75
C LYS A 299 10.18 15.34 9.09
N ASP A 300 9.05 14.94 9.66
CA ASP A 300 8.99 14.29 10.97
C ASP A 300 8.55 12.82 10.88
N VAL A 301 8.84 12.17 9.75
CA VAL A 301 8.61 10.74 9.58
C VAL A 301 9.98 10.07 9.68
N PRO A 302 10.32 9.42 10.82
CA PRO A 302 11.70 8.97 11.01
C PRO A 302 12.15 7.83 10.11
N ALA A 303 11.25 7.04 9.54
CA ALA A 303 11.61 5.94 8.65
C ALA A 303 10.97 6.23 7.30
N SER A 304 11.78 6.69 6.35
CA SER A 304 11.24 7.10 5.05
C SER A 304 12.34 7.13 4.01
N PHE A 305 11.92 6.98 2.73
CA PHE A 305 12.84 6.96 1.58
C PHE A 305 12.10 7.68 0.45
N ALA A 306 12.57 8.87 0.06
CA ALA A 306 11.80 9.72 -0.83
C ALA A 306 12.70 10.38 -1.87
N PRO A 307 12.94 9.71 -3.00
CA PRO A 307 13.84 10.27 -4.02
C PRO A 307 13.14 11.23 -4.98
N ALA A 308 13.94 12.15 -5.53
CA ALA A 308 13.45 13.20 -6.43
C ALA A 308 13.38 12.68 -7.86
N CYS A 309 12.36 11.83 -8.09
CA CYS A 309 12.13 11.17 -9.38
C CYS A 309 10.66 11.23 -9.76
N LEU A 310 10.41 11.23 -11.07
CA LEU A 310 9.10 11.03 -11.67
C LEU A 310 8.97 9.53 -11.94
N SER A 311 8.19 8.83 -11.10
CA SER A 311 8.04 7.38 -11.24
C SER A 311 6.79 6.95 -10.45
N HIS A 312 6.56 5.64 -10.35
CA HIS A 312 5.40 5.15 -9.62
C HIS A 312 5.63 3.70 -9.21
N GLU A 313 5.57 3.44 -7.89
CA GLU A 313 5.83 2.13 -7.26
C GLU A 313 7.31 1.74 -7.33
N ILE A 314 7.75 0.80 -6.48
CA ILE A 314 9.14 0.34 -6.52
C ILE A 314 9.38 -1.02 -5.86
N ILE A 315 8.66 -1.35 -4.78
CA ILE A 315 9.17 -2.42 -3.91
C ILE A 315 9.10 -3.82 -4.54
N ILE A 316 8.18 -4.09 -5.47
CA ILE A 316 8.18 -5.41 -6.13
C ILE A 316 8.75 -5.35 -7.55
N ARG A 317 9.43 -4.26 -7.90
CA ARG A 317 10.14 -4.18 -9.17
C ARG A 317 11.51 -4.85 -9.06
N SER A 318 11.89 -5.58 -10.11
CA SER A 318 13.16 -6.32 -10.07
C SER A 318 14.36 -5.41 -9.84
N HIS A 319 14.35 -4.20 -10.40
CA HIS A 319 15.47 -3.28 -10.26
C HIS A 319 15.32 -2.32 -9.10
N TRP A 320 14.54 -2.69 -8.07
CA TRP A 320 14.37 -1.85 -6.88
C TRP A 320 15.68 -1.57 -6.14
N THR A 321 16.72 -2.35 -6.38
CA THR A 321 17.99 -2.18 -5.68
C THR A 321 18.83 -1.02 -6.22
N ASP A 322 18.43 -0.39 -7.33
CA ASP A 322 19.28 0.54 -8.05
C ASP A 322 19.24 1.98 -7.52
N VAL A 323 18.10 2.45 -7.05
N VAL A 323 18.09 2.43 -7.01
CA VAL A 323 17.99 3.85 -6.65
CA VAL A 323 17.91 3.83 -6.59
C VAL A 323 18.65 4.05 -5.29
C VAL A 323 18.59 4.06 -5.25
N GLN A 324 19.22 5.23 -5.10
CA GLN A 324 19.89 5.59 -3.85
C GLN A 324 19.58 7.04 -3.50
N VAL A 325 19.44 7.32 -2.19
CA VAL A 325 19.33 8.67 -1.65
C VAL A 325 20.51 8.90 -0.70
N LYS A 326 21.27 9.96 -0.95
CA LYS A 326 22.45 10.26 -0.12
C LYS A 326 23.41 9.06 -0.06
N GLY A 327 23.45 8.27 -1.14
CA GLY A 327 24.33 7.12 -1.25
C GLY A 327 23.84 5.84 -0.61
N THR A 328 22.59 5.80 -0.14
CA THR A 328 22.01 4.63 0.53
C THR A 328 20.86 4.07 -0.31
N SER A 329 20.92 2.76 -0.60
CA SER A 329 19.84 2.12 -1.36
C SER A 329 18.63 1.83 -0.48
N LEU A 330 17.49 1.53 -1.13
CA LEU A 330 16.28 1.19 -0.37
C LEU A 330 16.43 -0.10 0.43
N PRO A 331 16.94 -1.21 -0.12
CA PRO A 331 17.17 -2.39 0.73
C PRO A 331 18.06 -2.10 1.92
N ARG A 332 19.08 -1.25 1.77
CA ARG A 332 19.92 -0.90 2.92
C ARG A 332 19.12 -0.12 3.97
N ALA A 333 18.33 0.88 3.53
CA ALA A 333 17.52 1.67 4.46
C ALA A 333 16.58 0.79 5.26
N LEU A 334 15.97 -0.21 4.60
CA LEU A 334 15.05 -1.12 5.29
C LEU A 334 15.80 -1.98 6.30
N HIS A 335 17.02 -2.44 5.96
CA HIS A 335 17.84 -3.19 6.91
C HIS A 335 18.20 -2.32 8.11
N CYS A 336 18.52 -1.04 7.88
CA CYS A 336 18.81 -0.12 8.98
C CYS A 336 17.58 0.09 9.87
N TRP A 337 16.40 0.14 9.26
CA TRP A 337 15.15 0.20 10.02
C TRP A 337 15.01 -1.02 10.93
N ASP A 338 15.30 -2.21 10.39
CA ASP A 338 15.24 -3.44 11.20
C ASP A 338 16.15 -3.32 12.41
N ARG A 339 17.38 -2.82 12.19
CA ARG A 339 18.34 -2.68 13.30
C ARG A 339 17.85 -1.68 14.32
N SER A 340 17.20 -0.60 13.87
CA SER A 340 16.74 0.43 14.79
C SER A 340 15.60 -0.05 15.68
N LEU A 341 14.86 -1.08 15.25
CA LEU A 341 13.77 -1.64 16.03
C LEU A 341 14.22 -2.81 16.93
N HIS A 342 15.50 -3.11 16.99
CA HIS A 342 16.00 -4.07 17.98
C HIS A 342 15.58 -3.68 19.40
N PRO A 351 21.09 6.59 17.39
CA PRO A 351 21.08 6.32 15.96
C PRO A 351 22.29 5.52 15.50
N LEU A 352 22.21 4.93 14.32
CA LEU A 352 23.21 3.98 13.85
C LEU A 352 24.25 4.66 12.95
N LYS A 353 25.52 4.33 13.20
CA LYS A 353 26.64 4.91 12.46
C LYS A 353 26.61 4.41 11.03
N GLY A 354 26.41 5.33 10.07
CA GLY A 354 26.42 4.93 8.67
C GLY A 354 25.27 4.03 8.25
N CYS A 355 24.18 3.96 9.03
CA CYS A 355 23.03 3.11 8.73
C CYS A 355 21.77 3.94 8.90
N PRO A 356 21.50 4.85 7.98
CA PRO A 356 20.37 5.78 8.16
C PRO A 356 19.03 5.18 7.77
N VAL A 357 17.98 5.76 8.36
CA VAL A 357 16.60 5.32 8.11
C VAL A 357 15.70 6.41 7.57
N HIS A 358 16.08 7.69 7.70
CA HIS A 358 15.32 8.82 7.15
C HIS A 358 16.13 9.40 5.98
N LEU A 359 15.63 9.24 4.75
CA LEU A 359 16.39 9.60 3.54
C LEU A 359 15.46 10.31 2.57
N VAL A 360 15.50 11.66 2.55
CA VAL A 360 14.61 12.47 1.72
C VAL A 360 15.49 13.39 0.87
N ASP A 361 15.34 13.30 -0.46
CA ASP A 361 16.09 14.16 -1.36
C ASP A 361 15.69 15.62 -1.15
N SER A 362 16.66 16.53 -1.33
CA SER A 362 16.38 17.96 -1.24
C SER A 362 16.44 18.68 -2.57
N CYS A 363 16.91 18.04 -3.63
CA CYS A 363 16.96 18.76 -4.91
C CYS A 363 15.54 18.88 -5.50
N PRO A 364 15.27 19.94 -6.27
CA PRO A 364 13.88 20.35 -6.50
C PRO A 364 13.22 19.96 -7.83
N TRP A 365 13.84 19.10 -8.67
CA TRP A 365 13.29 18.80 -9.99
C TRP A 365 13.44 17.31 -10.30
N PRO A 366 12.44 16.69 -10.97
CA PRO A 366 12.55 15.25 -11.29
C PRO A 366 13.86 14.91 -11.99
N HIS A 367 14.50 13.83 -11.56
CA HIS A 367 15.76 13.33 -12.11
C HIS A 367 16.98 14.16 -11.71
N CYS A 368 16.84 15.05 -10.72
CA CYS A 368 18.01 15.69 -10.12
C CYS A 368 18.86 14.68 -9.35
N ASN A 369 18.26 13.55 -8.99
CA ASN A 369 18.98 12.40 -8.46
C ASN A 369 19.39 11.50 -9.63
N PRO A 370 20.68 11.27 -9.85
CA PRO A 370 21.12 10.49 -11.02
C PRO A 370 20.69 9.02 -11.01
N SER A 371 20.28 8.46 -9.87
CA SER A 371 19.94 7.05 -9.76
C SER A 371 18.47 6.76 -10.06
N CYS A 372 17.69 7.78 -10.48
CA CYS A 372 16.27 7.60 -10.73
C CYS A 372 16.02 6.55 -11.80
N PRO A 373 14.88 5.86 -11.76
CA PRO A 373 14.55 4.89 -12.81
C PRO A 373 14.53 5.56 -14.19
N THR A 374 15.12 4.87 -15.16
CA THR A 374 15.28 5.44 -16.50
C THR A 374 13.97 5.34 -17.26
S SO4 B . -8.58 -8.77 -17.59
O1 SO4 B . -8.01 -8.50 -16.27
O2 SO4 B . -9.10 -10.14 -17.57
O3 SO4 B . -9.66 -7.83 -17.88
O4 SO4 B . -7.54 -8.69 -18.61
C1 NAG C . -16.22 -15.62 7.44
C2 NAG C . -16.37 -15.88 8.94
C3 NAG C . -17.44 -14.98 9.55
C4 NAG C . -17.19 -13.52 9.18
C5 NAG C . -17.06 -13.38 7.67
C6 NAG C . -16.75 -11.98 7.21
C7 NAG C . -15.76 -18.23 9.34
C8 NAG C . -16.27 -19.61 9.58
N2 NAG C . -16.69 -17.28 9.18
O3 NAG C . -17.44 -15.11 10.97
O4 NAG C . -18.27 -12.70 9.64
O5 NAG C . -15.98 -14.22 7.22
O6 NAG C . -15.53 -11.51 7.77
O7 NAG C . -14.56 -17.98 9.28
S SO4 D . 17.45 16.62 4.64
O1 SO4 D . 18.37 16.83 3.53
O2 SO4 D . 18.13 15.90 5.72
O3 SO4 D . 16.98 17.91 5.14
O4 SO4 D . 16.30 15.85 4.18
S SO4 E . -25.30 -0.76 -7.40
O1 SO4 E . -23.91 -1.10 -7.71
O2 SO4 E . -25.80 -1.60 -6.34
O3 SO4 E . -25.34 0.64 -6.99
O4 SO4 E . -26.15 -0.90 -8.59
S SO4 F . 9.53 30.44 -18.95
O1 SO4 F . 9.91 29.03 -18.91
O2 SO4 F . 9.99 31.09 -17.72
O3 SO4 F . 10.15 31.10 -20.10
O4 SO4 F . 8.07 30.56 -19.07
S SO4 G . 0.87 22.95 -20.17
O1 SO4 G . 2.29 22.62 -20.32
O2 SO4 G . 0.19 21.84 -19.51
O3 SO4 G . 0.30 23.15 -21.51
O4 SO4 G . 0.74 24.16 -19.38
S SO4 H . -1.47 -27.11 0.35
O1 SO4 H . -0.83 -28.38 0.06
O2 SO4 H . -0.46 -26.07 0.53
O3 SO4 H . -2.26 -27.23 1.58
O4 SO4 H . -2.36 -26.75 -0.76
C1 EDO I . 3.81 -24.56 0.29
O1 EDO I . 4.81 -25.59 0.43
C2 EDO I . 4.43 -23.24 0.73
O2 EDO I . 5.66 -23.06 0.04
C1 EDO J . 15.31 -14.88 9.86
O1 EDO J . 14.82 -15.40 8.62
C2 EDO J . 15.04 -15.90 10.97
O2 EDO J . 13.77 -15.67 11.56
C1 EDO K . -7.01 16.19 -4.36
O1 EDO K . -8.08 15.25 -4.37
C2 EDO K . -6.00 15.73 -5.40
O2 EDO K . -5.65 14.37 -5.09
N1 AY4 L . -4.26 4.74 -6.73
C4 AY4 L . -5.17 7.42 -4.66
C5 AY4 L . -5.09 8.80 -4.76
C6 AY4 L . -5.49 9.59 -3.71
C7 AY4 L . -5.96 9.01 -2.53
C8 AY4 L . -6.04 7.62 -2.44
C1 AY4 L . -4.34 6.96 -6.90
C2 AY4 L . -4.02 5.74 -7.56
N2 AY4 L . -4.72 5.24 -5.56
C3 AY4 L . -4.78 6.60 -5.65
C9 AY4 L . -5.64 6.85 -3.47
O1 AY4 L . -5.73 5.40 -3.38
F1 AY4 L . -6.50 7.01 -1.33
F2 AY4 L . -5.41 10.93 -3.81
#